data_8RPB
#
_entry.id   8RPB
#
_cell.length_a   185.852
_cell.length_b   185.852
_cell.length_c   110.237
_cell.angle_alpha   90
_cell.angle_beta   90
_cell.angle_gamma   120
#
_symmetry.space_group_name_H-M   'P 62 2 2'
#
loop_
_entity.id
_entity.type
_entity.pdbx_description
1 polymer 'heavy chain of S79 fab'
2 polymer 'light chain of S79 fab'
3 polymer 'Programmed cell death 1 ligand 1'
4 non-polymer 'CHLORIDE ION'
5 non-polymer GLYCEROL
6 non-polymer 'SULFATE ION'
7 water water
#
loop_
_entity_poly.entity_id
_entity_poly.type
_entity_poly.pdbx_seq_one_letter_code
_entity_poly.pdbx_strand_id
1 'polypeptide(L)'
;EVQLLESGGGLVQPGGSLRLSCAASGFTFSSYAMSWVRQAPGKGLEWVSAISGSGGSTYYADSVKGRFTISRDNSKNTLY
LQMNSLRAEDTAVYYCAKSYGAFDYWGQGTLVTVSSASTKGPSVFPLAPSSKSTSGGTAALGCLVKDYFPEPVTVSWNSG
ALTSGVHTFPAVLQSSGLYSLSSVVTVPSSSLGTQTYICNVNHKPSNTKVDKRVEPKSCDKTH
;
H
2 'polypeptide(L)'
;QSALTQPASVSGSPGQSITISCTGTSSDVFRPPLVSWYQQHPGKAPKLMIYFASLRPSGVSNRFSGSKSGNTASLTISGL
QAEDEADYYCSSWDHTGDGHVFGGGTKLTVLGQPKAAPSVTLFPPSSEELQANKATLVCLISDFYPGAVTVAWKADSSPV
KAGVETTTPSKQSNNKYAASSYLSLTPEQWKSHRSYSCQVTHEGSTVEKTVAPTECS
;
L
3 'polypeptide(L)'
;MAFTVTVPKDLYVVEYGSNMTIECKFPVEKQLDLAALIVYWEMEDKNIIQFVHGEEDLKVQHSSYRQRARLLKDQLSLGN
AALQITDVKLQDAGVYRCMISYGGADYKRITVKVNAPGSHHHHHH
;
P
#
# COMPACT_ATOMS: atom_id res chain seq x y z
N GLU A 1 0.23 -16.93 12.39
CA GLU A 1 -0.17 -15.89 11.42
C GLU A 1 0.87 -15.72 10.34
N VAL A 2 0.42 -15.38 9.13
CA VAL A 2 1.31 -15.19 8.00
C VAL A 2 2.13 -13.91 8.16
N GLN A 3 3.45 -14.00 7.99
CA GLN A 3 4.31 -12.84 8.08
C GLN A 3 5.33 -12.82 6.94
N LEU A 4 5.57 -11.64 6.35
CA LEU A 4 6.52 -11.43 5.26
C LEU A 4 7.32 -10.19 5.65
N LEU A 5 8.61 -10.36 5.98
CA LEU A 5 9.43 -9.26 6.43
C LEU A 5 10.55 -8.95 5.44
N GLU A 6 10.44 -7.83 4.70
CA GLU A 6 11.48 -7.44 3.75
C GLU A 6 12.63 -6.73 4.43
N SER A 7 13.82 -6.87 3.87
CA SER A 7 15.02 -6.19 4.36
C SER A 7 16.02 -6.04 3.20
N GLY A 8 17.01 -5.16 3.36
CA GLY A 8 18.06 -4.99 2.37
C GLY A 8 18.09 -3.72 1.56
N GLY A 9 17.04 -2.90 1.68
CA GLY A 9 16.93 -1.63 0.97
C GLY A 9 17.94 -0.59 1.42
N GLY A 10 18.00 0.52 0.71
CA GLY A 10 18.95 1.60 1.01
C GLY A 10 19.41 2.34 -0.24
N LEU A 11 20.42 3.20 -0.08
CA LEU A 11 20.93 4.00 -1.20
C LEU A 11 21.96 3.24 -2.00
N VAL A 12 21.78 3.19 -3.32
CA VAL A 12 22.68 2.55 -4.27
C VAL A 12 23.03 3.60 -5.34
N GLN A 13 24.28 3.64 -5.81
CA GLN A 13 24.64 4.55 -6.92
C GLN A 13 24.18 3.90 -8.24
N PRO A 14 23.93 4.69 -9.29
CA PRO A 14 23.49 4.07 -10.58
C PRO A 14 24.58 3.13 -11.11
N GLY A 15 24.18 1.97 -11.62
CA GLY A 15 25.10 0.93 -12.05
C GLY A 15 25.50 -0.04 -10.95
N GLY A 16 25.15 0.29 -9.70
CA GLY A 16 25.45 -0.52 -8.52
C GLY A 16 24.51 -1.71 -8.33
N SER A 17 24.76 -2.51 -7.26
CA SER A 17 24.00 -3.72 -6.94
C SER A 17 23.41 -3.73 -5.54
N LEU A 18 22.31 -4.45 -5.37
CA LEU A 18 21.67 -4.58 -4.06
C LEU A 18 20.91 -5.90 -4.00
N ARG A 19 20.88 -6.54 -2.83
CA ARG A 19 20.08 -7.76 -2.65
C ARG A 19 19.04 -7.57 -1.58
N LEU A 20 17.77 -7.79 -1.96
CA LEU A 20 16.66 -7.72 -1.00
C LEU A 20 16.31 -9.13 -0.53
N SER A 21 15.86 -9.25 0.70
CA SER A 21 15.44 -10.53 1.25
C SER A 21 14.08 -10.40 1.90
N CYS A 22 13.32 -11.49 1.93
CA CYS A 22 12.01 -11.51 2.52
C CYS A 22 11.87 -12.77 3.34
N ALA A 23 11.82 -12.65 4.65
CA ALA A 23 11.67 -13.81 5.53
C ALA A 23 10.19 -14.09 5.71
N ALA A 24 9.73 -15.26 5.25
CA ALA A 24 8.34 -15.66 5.35
C ALA A 24 8.12 -16.65 6.50
N SER A 25 6.95 -16.58 7.14
CA SER A 25 6.57 -17.48 8.23
C SER A 25 5.05 -17.58 8.33
N GLY A 26 4.56 -18.62 9.01
CA GLY A 26 3.14 -18.79 9.19
C GLY A 26 2.43 -19.57 8.08
N PHE A 27 3.19 -20.11 7.11
CA PHE A 27 2.62 -20.89 5.99
C PHE A 27 3.67 -21.82 5.36
N THR A 28 3.25 -22.83 4.58
CA THR A 28 4.20 -23.72 3.91
C THR A 28 4.75 -22.99 2.69
N PHE A 29 5.84 -22.27 2.89
CA PHE A 29 6.50 -21.44 1.90
C PHE A 29 6.65 -22.10 0.51
N SER A 30 7.19 -23.33 0.46
CA SER A 30 7.43 -24.08 -0.78
C SER A 30 6.18 -24.46 -1.56
N SER A 31 4.98 -24.29 -0.99
CA SER A 31 3.74 -24.59 -1.71
C SER A 31 3.23 -23.39 -2.52
N TYR A 32 3.79 -22.19 -2.33
CA TYR A 32 3.28 -21.00 -2.99
C TYR A 32 4.27 -20.32 -3.89
N ALA A 33 3.79 -19.81 -5.02
CA ALA A 33 4.61 -18.97 -5.88
C ALA A 33 4.75 -17.64 -5.15
N MET A 34 5.89 -16.96 -5.30
CA MET A 34 6.11 -15.67 -4.61
C MET A 34 6.44 -14.61 -5.64
N SER A 35 6.14 -13.34 -5.34
CA SER A 35 6.47 -12.25 -6.23
C SER A 35 7.08 -11.05 -5.52
N TRP A 36 7.74 -10.20 -6.32
CA TRP A 36 8.24 -8.92 -5.92
C TRP A 36 7.41 -7.89 -6.74
N VAL A 37 6.78 -6.94 -6.07
CA VAL A 37 6.00 -5.89 -6.68
C VAL A 37 6.59 -4.57 -6.17
N ARG A 38 6.88 -3.61 -7.06
CA ARG A 38 7.46 -2.34 -6.61
C ARG A 38 6.53 -1.14 -6.82
N GLN A 39 6.81 -0.03 -6.13
CA GLN A 39 6.00 1.17 -6.23
C GLN A 39 6.89 2.39 -6.05
N ALA A 40 7.10 3.16 -7.13
CA ALA A 40 7.90 4.38 -7.10
C ALA A 40 7.17 5.39 -6.24
N PRO A 41 7.90 6.25 -5.50
CA PRO A 41 7.23 7.21 -4.62
C PRO A 41 6.13 8.02 -5.30
N GLY A 42 4.92 7.88 -4.77
CA GLY A 42 3.74 8.57 -5.27
C GLY A 42 3.10 7.96 -6.50
N LYS A 43 3.66 6.88 -7.05
CA LYS A 43 3.14 6.26 -8.27
C LYS A 43 2.40 4.92 -8.00
N GLY A 44 2.05 4.19 -9.05
CA GLY A 44 1.32 2.94 -8.89
C GLY A 44 2.19 1.72 -8.72
N LEU A 45 1.54 0.56 -8.50
CA LEU A 45 2.16 -0.75 -8.32
C LEU A 45 2.63 -1.31 -9.64
N GLU A 46 3.83 -1.88 -9.67
CA GLU A 46 4.39 -2.52 -10.87
C GLU A 46 4.90 -3.92 -10.51
N TRP A 47 4.36 -4.98 -11.14
CA TRP A 47 4.85 -6.34 -10.90
C TRP A 47 6.29 -6.44 -11.44
N VAL A 48 7.22 -7.03 -10.66
CA VAL A 48 8.63 -7.10 -11.06
C VAL A 48 9.04 -8.51 -11.48
N SER A 49 8.79 -9.48 -10.61
CA SER A 49 9.24 -10.83 -10.83
C SER A 49 8.45 -11.82 -10.03
N ALA A 50 8.34 -13.06 -10.54
CA ALA A 50 7.68 -14.17 -9.86
C ALA A 50 8.54 -15.42 -9.91
N ILE A 51 8.36 -16.32 -8.94
CA ILE A 51 9.09 -17.59 -8.84
C ILE A 51 8.13 -18.69 -8.38
N SER A 52 8.20 -19.89 -8.95
CA SER A 52 7.33 -21.00 -8.54
C SER A 52 7.71 -21.51 -7.15
N GLY A 53 6.82 -22.31 -6.53
CA GLY A 53 7.07 -22.87 -5.21
C GLY A 53 8.41 -23.57 -5.06
N SER A 54 8.81 -24.35 -6.06
CA SER A 54 10.08 -25.08 -6.02
C SER A 54 11.31 -24.24 -6.40
N GLY A 55 11.10 -23.09 -7.01
CA GLY A 55 12.19 -22.27 -7.50
C GLY A 55 12.65 -22.64 -8.92
N GLY A 56 12.01 -23.64 -9.54
CA GLY A 56 12.38 -24.12 -10.86
C GLY A 56 11.95 -23.23 -12.01
N SER A 57 11.04 -22.28 -11.77
CA SER A 57 10.54 -21.39 -12.81
C SER A 57 10.53 -19.96 -12.34
N THR A 58 11.18 -19.05 -13.10
CA THR A 58 11.27 -17.62 -12.76
C THR A 58 10.74 -16.77 -13.91
N TYR A 59 10.01 -15.69 -13.60
CA TYR A 59 9.36 -14.80 -14.57
C TYR A 59 9.68 -13.36 -14.24
N TYR A 60 9.88 -12.53 -15.26
CA TYR A 60 10.30 -11.15 -15.07
C TYR A 60 9.53 -10.17 -15.93
N ALA A 61 9.34 -8.95 -15.43
CA ALA A 61 8.78 -7.85 -16.20
C ALA A 61 9.89 -7.47 -17.21
N ASP A 62 9.52 -7.05 -18.43
CA ASP A 62 10.52 -6.68 -19.43
C ASP A 62 11.49 -5.59 -18.99
N SER A 63 11.04 -4.68 -18.10
CA SER A 63 11.86 -3.57 -17.62
C SER A 63 13.01 -3.99 -16.72
N VAL A 64 12.95 -5.22 -16.14
CA VAL A 64 14.01 -5.70 -15.24
C VAL A 64 14.74 -6.95 -15.75
N LYS A 65 14.30 -7.53 -16.88
CA LYS A 65 14.90 -8.71 -17.51
C LYS A 65 16.41 -8.49 -17.74
N GLY A 66 17.22 -9.46 -17.31
CA GLY A 66 18.68 -9.43 -17.49
C GLY A 66 19.44 -8.63 -16.44
N ARG A 67 18.74 -7.98 -15.52
CA ARG A 67 19.36 -7.15 -14.51
C ARG A 67 19.02 -7.65 -13.10
N PHE A 68 17.77 -8.11 -12.90
CA PHE A 68 17.30 -8.61 -11.62
C PHE A 68 17.14 -10.13 -11.67
N THR A 69 17.40 -10.81 -10.56
CA THR A 69 17.25 -12.25 -10.45
C THR A 69 16.46 -12.57 -9.18
N ILE A 70 15.39 -13.35 -9.32
CA ILE A 70 14.60 -13.77 -8.17
C ILE A 70 15.07 -15.19 -7.79
N SER A 71 15.11 -15.47 -6.50
CA SER A 71 15.48 -16.79 -6.01
C SER A 71 14.84 -17.04 -4.63
N ARG A 72 14.88 -18.28 -4.14
CA ARG A 72 14.27 -18.62 -2.87
C ARG A 72 15.01 -19.75 -2.17
N ASP A 73 14.95 -19.78 -0.86
CA ASP A 73 15.56 -20.82 -0.07
C ASP A 73 14.41 -21.48 0.68
N ASN A 74 13.97 -22.65 0.22
CA ASN A 74 12.82 -23.33 0.82
C ASN A 74 13.13 -24.05 2.15
N SER A 75 14.35 -23.94 2.66
CA SER A 75 14.70 -24.46 3.96
C SER A 75 14.72 -23.31 4.97
N LYS A 76 15.17 -22.10 4.57
CA LYS A 76 15.13 -20.94 5.46
C LYS A 76 13.84 -20.11 5.24
N ASN A 77 12.92 -20.53 4.33
CA ASN A 77 11.70 -19.81 4.02
C ASN A 77 11.98 -18.37 3.66
N THR A 78 12.96 -18.15 2.77
CA THR A 78 13.34 -16.80 2.38
C THR A 78 13.26 -16.57 0.87
N LEU A 79 12.79 -15.39 0.46
CA LEU A 79 12.68 -14.98 -0.94
C LEU A 79 13.74 -13.88 -1.18
N TYR A 80 14.43 -13.91 -2.31
CA TYR A 80 15.47 -12.93 -2.63
C TYR A 80 15.23 -12.25 -4.00
N LEU A 81 15.75 -11.04 -4.13
CA LEU A 81 15.78 -10.31 -5.37
C LEU A 81 17.19 -9.70 -5.46
N GLN A 82 18.02 -10.25 -6.34
CA GLN A 82 19.36 -9.75 -6.61
C GLN A 82 19.23 -8.71 -7.70
N MET A 83 19.56 -7.45 -7.40
CA MET A 83 19.46 -6.38 -8.39
C MET A 83 20.86 -5.93 -8.78
N ASN A 84 21.16 -5.99 -10.07
CA ASN A 84 22.43 -5.53 -10.65
C ASN A 84 22.12 -4.45 -11.69
N SER A 85 23.13 -3.61 -12.04
CA SER A 85 22.98 -2.54 -13.03
C SER A 85 21.76 -1.66 -12.76
N LEU A 86 21.70 -1.17 -11.52
CA LEU A 86 20.60 -0.35 -11.07
C LEU A 86 20.53 0.99 -11.76
N ARG A 87 19.33 1.46 -12.03
CA ARG A 87 19.10 2.74 -12.69
C ARG A 87 18.24 3.63 -11.80
N ALA A 88 18.28 4.95 -12.00
CA ALA A 88 17.43 5.89 -11.25
C ALA A 88 15.93 5.47 -11.26
N GLU A 89 15.44 4.91 -12.38
CA GLU A 89 14.06 4.43 -12.58
C GLU A 89 13.65 3.28 -11.67
N ASP A 90 14.64 2.58 -11.08
CA ASP A 90 14.36 1.47 -10.17
C ASP A 90 14.06 1.93 -8.74
N THR A 91 14.17 3.26 -8.45
CA THR A 91 13.88 3.82 -7.13
C THR A 91 12.41 3.55 -6.84
N ALA A 92 12.14 2.76 -5.79
CA ALA A 92 10.79 2.35 -5.43
C ALA A 92 10.79 1.64 -4.06
N VAL A 93 9.59 1.46 -3.47
CA VAL A 93 9.41 0.61 -2.32
C VAL A 93 9.16 -0.79 -2.94
N TYR A 94 9.92 -1.79 -2.51
CA TYR A 94 9.79 -3.13 -3.02
C TYR A 94 9.05 -4.01 -2.03
N TYR A 95 7.94 -4.60 -2.46
CA TYR A 95 7.11 -5.48 -1.67
C TYR A 95 7.31 -6.93 -2.07
N CYS A 96 7.27 -7.78 -1.08
CA CYS A 96 7.31 -9.23 -1.13
C CYS A 96 5.82 -9.62 -1.05
N ALA A 97 5.35 -10.44 -1.99
CA ALA A 97 3.93 -10.82 -2.00
C ALA A 97 3.71 -12.31 -2.23
N LYS A 98 2.83 -12.92 -1.43
CA LYS A 98 2.48 -14.32 -1.55
C LYS A 98 1.41 -14.52 -2.61
N SER A 99 1.64 -15.42 -3.60
CA SER A 99 0.67 -15.66 -4.66
C SER A 99 -0.20 -16.89 -4.36
N TYR A 100 -1.51 -16.67 -4.29
CA TYR A 100 -2.49 -17.71 -3.99
C TYR A 100 -3.82 -17.31 -4.65
N GLY A 101 -3.88 -17.45 -5.97
CA GLY A 101 -5.01 -16.98 -6.76
C GLY A 101 -4.87 -15.50 -7.09
N ALA A 102 -4.27 -14.76 -6.14
CA ALA A 102 -3.97 -13.33 -6.13
C ALA A 102 -2.96 -13.06 -4.98
N PHE A 103 -2.41 -11.83 -4.87
CA PHE A 103 -1.48 -11.50 -3.80
C PHE A 103 -2.24 -11.31 -2.50
N ASP A 104 -2.47 -12.41 -1.76
CA ASP A 104 -3.26 -12.39 -0.53
C ASP A 104 -2.51 -11.79 0.67
N TYR A 105 -1.17 -11.85 0.67
CA TYR A 105 -0.36 -11.26 1.74
C TYR A 105 0.77 -10.50 1.15
N TRP A 106 1.03 -9.32 1.70
CA TRP A 106 2.11 -8.45 1.28
C TRP A 106 2.93 -8.07 2.50
N GLY A 107 4.23 -7.87 2.29
CA GLY A 107 5.08 -7.36 3.36
C GLY A 107 4.88 -5.86 3.47
N GLN A 108 5.58 -5.19 4.38
CA GLN A 108 5.45 -3.74 4.52
C GLN A 108 6.32 -2.92 3.56
N GLY A 109 7.13 -3.59 2.75
CA GLY A 109 8.02 -2.96 1.79
C GLY A 109 9.37 -2.49 2.32
N THR A 110 10.36 -2.40 1.42
CA THR A 110 11.69 -1.87 1.68
C THR A 110 12.04 -0.84 0.58
N LEU A 111 12.45 0.36 0.99
CA LEU A 111 12.78 1.44 0.04
C LEU A 111 14.18 1.30 -0.57
N VAL A 112 14.24 1.38 -1.89
CA VAL A 112 15.50 1.33 -2.64
C VAL A 112 15.62 2.66 -3.38
N THR A 113 16.73 3.39 -3.17
CA THR A 113 16.92 4.68 -3.82
C THR A 113 18.17 4.60 -4.67
N VAL A 114 18.02 4.76 -5.99
CA VAL A 114 19.15 4.72 -6.91
C VAL A 114 19.49 6.15 -7.27
N SER A 115 20.65 6.61 -6.79
CA SER A 115 21.03 8.00 -6.99
C SER A 115 22.52 8.19 -6.87
N SER A 116 23.04 9.20 -7.55
CA SER A 116 24.45 9.55 -7.44
C SER A 116 24.72 10.54 -6.29
N ALA A 117 23.67 10.99 -5.57
CA ALA A 117 23.82 11.88 -4.44
C ALA A 117 24.35 11.08 -3.24
N SER A 118 25.18 11.72 -2.43
CA SER A 118 25.80 11.07 -1.29
C SER A 118 24.88 11.05 -0.07
N THR A 119 25.03 10.04 0.76
CA THR A 119 24.26 9.92 1.99
C THR A 119 24.68 11.03 2.95
N LYS A 120 23.74 11.52 3.75
CA LYS A 120 24.02 12.50 4.77
C LYS A 120 23.08 12.21 5.93
N GLY A 121 23.62 12.03 7.13
CA GLY A 121 22.80 11.78 8.30
C GLY A 121 22.18 13.08 8.80
N PRO A 122 21.09 12.98 9.58
CA PRO A 122 20.43 14.19 10.07
C PRO A 122 21.04 14.77 11.33
N SER A 123 20.77 16.06 11.55
CA SER A 123 21.09 16.75 12.79
C SER A 123 19.75 16.82 13.52
N VAL A 124 19.73 16.49 14.82
CA VAL A 124 18.50 16.51 15.59
C VAL A 124 18.49 17.63 16.62
N PHE A 125 17.42 18.44 16.64
CA PHE A 125 17.31 19.54 17.58
C PHE A 125 15.97 19.51 18.27
N PRO A 126 15.94 19.73 19.59
CA PRO A 126 14.66 19.72 20.30
C PRO A 126 13.82 20.95 20.00
N LEU A 127 12.50 20.76 20.00
CA LEU A 127 11.52 21.83 19.85
C LEU A 127 10.86 21.91 21.21
N ALA A 128 11.50 22.67 22.10
CA ALA A 128 11.10 22.83 23.49
C ALA A 128 9.68 23.33 23.71
N PRO A 129 8.98 22.75 24.70
CA PRO A 129 7.61 23.21 24.99
C PRO A 129 7.64 24.58 25.65
N SER A 130 6.62 25.39 25.33
CA SER A 130 6.54 26.73 25.86
C SER A 130 6.17 26.82 27.33
N SER A 131 7.16 26.63 28.20
CA SER A 131 6.95 26.89 29.63
C SER A 131 6.70 28.42 29.85
N LYS A 132 6.94 29.26 28.79
CA LYS A 132 6.68 30.70 28.75
C LYS A 132 5.14 30.95 28.74
N SER A 133 4.38 30.03 28.10
CA SER A 133 2.92 30.06 28.01
C SER A 133 2.27 28.84 28.71
N THR A 134 2.76 28.48 29.92
CA THR A 134 2.21 27.36 30.70
C THR A 134 0.99 27.82 31.58
N SER A 135 0.35 26.86 32.32
CA SER A 135 -0.84 27.01 33.18
C SER A 135 -2.18 26.76 32.43
N GLY A 136 -2.11 26.25 31.20
CA GLY A 136 -3.28 25.95 30.40
C GLY A 136 -3.75 24.53 30.60
N GLY A 137 -3.59 23.70 29.57
CA GLY A 137 -4.02 22.31 29.64
C GLY A 137 -3.11 21.35 28.89
N THR A 138 -2.90 21.61 27.59
CA THR A 138 -2.06 20.75 26.77
C THR A 138 -0.86 21.54 26.24
N ALA A 139 0.31 20.91 26.22
CA ALA A 139 1.52 21.53 25.71
C ALA A 139 2.06 20.71 24.56
N ALA A 140 2.68 21.36 23.57
CA ALA A 140 3.25 20.63 22.44
C ALA A 140 4.76 20.74 22.40
N LEU A 141 5.44 19.61 22.28
CA LEU A 141 6.89 19.58 22.18
C LEU A 141 7.30 18.69 21.00
N GLY A 142 8.51 18.89 20.48
CA GLY A 142 8.94 18.13 19.32
C GLY A 142 10.41 17.89 19.14
N CYS A 143 10.73 17.41 17.97
CA CYS A 143 12.04 17.00 17.56
C CYS A 143 12.18 17.42 16.09
N LEU A 144 13.22 18.17 15.75
CA LEU A 144 13.43 18.63 14.37
C LEU A 144 14.56 17.80 13.81
N VAL A 145 14.28 17.02 12.77
CA VAL A 145 15.24 16.16 12.09
C VAL A 145 15.60 16.87 10.80
N LYS A 146 16.81 17.44 10.75
CA LYS A 146 17.20 18.32 9.67
C LYS A 146 18.38 17.83 8.82
N ASP A 147 18.28 18.12 7.51
CA ASP A 147 19.23 17.92 6.43
C ASP A 147 19.77 16.50 6.28
N TYR A 148 18.92 15.57 5.86
CA TYR A 148 19.36 14.18 5.62
C TYR A 148 19.07 13.69 4.21
N PHE A 149 19.72 12.59 3.82
CA PHE A 149 19.53 11.96 2.52
C PHE A 149 20.13 10.56 2.59
N PRO A 150 19.47 9.54 2.03
CA PRO A 150 18.15 9.57 1.44
C PRO A 150 17.06 9.32 2.49
N GLU A 151 15.83 9.19 2.04
CA GLU A 151 14.71 8.81 2.89
C GLU A 151 14.92 7.28 3.17
N PRO A 152 14.49 6.70 4.30
CA PRO A 152 13.66 7.29 5.37
C PRO A 152 14.38 7.49 6.71
N VAL A 153 13.72 8.18 7.62
CA VAL A 153 14.12 8.28 9.02
C VAL A 153 12.91 7.78 9.83
N THR A 154 13.16 7.07 10.93
CA THR A 154 12.06 6.66 11.83
C THR A 154 12.21 7.46 13.11
N VAL A 155 11.10 7.93 13.68
CA VAL A 155 11.13 8.65 14.95
C VAL A 155 10.20 8.00 15.98
N SER A 156 10.70 7.69 17.18
CA SER A 156 9.86 7.17 18.27
C SER A 156 10.06 8.07 19.51
N TRP A 157 9.19 7.95 20.52
CA TRP A 157 9.29 8.77 21.71
C TRP A 157 9.43 7.88 22.93
N ASN A 158 10.41 8.17 23.79
CA ASN A 158 10.70 7.40 24.99
C ASN A 158 10.86 5.91 24.71
N SER A 159 11.56 5.60 23.60
CA SER A 159 11.87 4.26 23.10
C SER A 159 10.63 3.41 22.83
N GLY A 160 9.54 4.07 22.44
CA GLY A 160 8.30 3.37 22.13
C GLY A 160 7.26 3.38 23.23
N ALA A 161 7.63 3.87 24.43
CA ALA A 161 6.69 3.93 25.54
C ALA A 161 5.63 5.01 25.36
N LEU A 162 5.98 6.10 24.65
CA LEU A 162 5.04 7.18 24.38
C LEU A 162 4.61 7.09 22.92
N THR A 163 3.34 6.75 22.69
CA THR A 163 2.79 6.66 21.33
C THR A 163 1.55 7.55 21.17
N SER A 164 0.81 7.76 22.26
CA SER A 164 -0.40 8.58 22.27
C SER A 164 -0.08 10.07 22.03
N GLY A 165 -0.78 10.66 21.08
CA GLY A 165 -0.59 12.08 20.76
C GLY A 165 0.62 12.41 19.91
N VAL A 166 1.33 11.39 19.41
CA VAL A 166 2.50 11.60 18.57
C VAL A 166 2.08 11.79 17.11
N HIS A 167 2.62 12.83 16.45
CA HIS A 167 2.40 13.12 15.05
C HIS A 167 3.76 13.37 14.40
N THR A 168 4.17 12.49 13.48
CA THR A 168 5.42 12.67 12.76
C THR A 168 5.07 13.10 11.37
N PHE A 169 5.52 14.29 11.00
CA PHE A 169 5.19 14.91 9.74
C PHE A 169 5.99 14.37 8.58
N PRO A 170 5.40 14.35 7.38
CA PRO A 170 6.15 13.91 6.21
C PRO A 170 7.29 14.89 5.90
N ALA A 171 8.41 14.35 5.44
CA ALA A 171 9.59 15.10 5.12
C ALA A 171 9.37 16.16 4.05
N VAL A 172 10.15 17.22 4.12
CA VAL A 172 10.12 18.28 3.12
C VAL A 172 11.36 18.07 2.30
N LEU A 173 11.22 17.92 0.98
CA LEU A 173 12.40 17.81 0.13
C LEU A 173 12.75 19.23 -0.21
N GLN A 174 13.88 19.72 0.29
CA GLN A 174 14.28 21.10 0.03
C GLN A 174 15.05 21.25 -1.28
N SER A 175 15.30 22.49 -1.68
CA SER A 175 16.04 22.80 -2.90
C SER A 175 17.49 22.32 -2.87
N SER A 176 18.02 22.03 -1.67
CA SER A 176 19.36 21.49 -1.51
C SER A 176 19.44 20.02 -2.00
N GLY A 177 18.30 19.35 -2.13
CA GLY A 177 18.23 17.93 -2.39
C GLY A 177 18.21 17.12 -1.10
N LEU A 178 18.08 17.81 0.05
CA LEU A 178 18.05 17.18 1.37
C LEU A 178 16.67 17.23 1.97
N TYR A 179 16.34 16.26 2.82
CA TYR A 179 15.03 16.19 3.46
C TYR A 179 15.09 16.72 4.90
N SER A 180 13.95 17.10 5.45
CA SER A 180 13.84 17.52 6.83
C SER A 180 12.45 17.23 7.31
N LEU A 181 12.32 16.71 8.53
CA LEU A 181 11.00 16.47 9.11
C LEU A 181 10.94 16.83 10.57
N SER A 182 9.75 16.78 11.14
CA SER A 182 9.56 17.05 12.54
C SER A 182 8.57 16.07 13.12
N SER A 183 8.73 15.79 14.40
CA SER A 183 7.81 14.91 15.11
C SER A 183 7.39 15.67 16.33
N VAL A 184 6.09 15.76 16.57
CA VAL A 184 5.57 16.45 17.74
C VAL A 184 4.70 15.53 18.57
N VAL A 185 4.54 15.89 19.84
CA VAL A 185 3.70 15.15 20.74
C VAL A 185 3.01 16.18 21.66
N THR A 186 1.71 16.00 21.90
CA THR A 186 0.98 16.87 22.81
C THR A 186 0.82 16.11 24.10
N VAL A 187 1.21 16.73 25.20
CA VAL A 187 1.17 16.11 26.51
C VAL A 187 0.47 17.03 27.49
N PRO A 188 0.08 16.53 28.69
CA PRO A 188 -0.53 17.42 29.67
C PRO A 188 0.49 18.47 30.11
N SER A 189 0.10 19.75 30.10
CA SER A 189 0.96 20.84 30.54
C SER A 189 1.43 20.64 32.00
N SER A 190 0.67 19.89 32.82
CA SER A 190 1.06 19.62 34.20
C SER A 190 2.26 18.64 34.32
N SER A 191 2.54 17.88 33.27
CA SER A 191 3.62 16.90 33.25
C SER A 191 5.02 17.50 33.12
N LEU A 192 5.17 18.60 32.34
CA LEU A 192 6.44 19.27 32.10
C LEU A 192 7.22 19.59 33.37
N GLY A 193 8.51 19.33 33.35
CA GLY A 193 9.33 19.54 34.54
C GLY A 193 9.42 18.30 35.43
N THR A 194 8.51 17.33 35.22
CA THR A 194 8.53 16.09 35.99
C THR A 194 8.70 14.90 35.04
N GLN A 195 8.01 14.93 33.89
CA GLN A 195 8.10 13.85 32.91
C GLN A 195 9.19 14.09 31.89
N THR A 196 10.01 13.04 31.64
CA THR A 196 11.10 13.06 30.68
C THR A 196 10.59 12.74 29.27
N TYR A 197 10.96 13.55 28.27
CA TYR A 197 10.58 13.31 26.88
C TYR A 197 11.84 13.23 26.01
N ILE A 198 12.07 12.09 25.34
CA ILE A 198 13.23 11.86 24.49
C ILE A 198 12.78 11.38 23.11
N CYS A 199 13.25 12.02 22.03
CA CYS A 199 12.92 11.53 20.69
C CYS A 199 14.07 10.66 20.21
N ASN A 200 13.74 9.51 19.63
CA ASN A 200 14.72 8.56 19.15
C ASN A 200 14.67 8.56 17.65
N VAL A 201 15.72 9.08 17.01
CA VAL A 201 15.79 9.20 15.57
C VAL A 201 16.72 8.14 14.99
N ASN A 202 16.26 7.42 13.99
CA ASN A 202 17.08 6.42 13.33
C ASN A 202 17.09 6.69 11.82
N HIS A 203 18.28 6.85 11.23
CA HIS A 203 18.45 7.04 9.79
C HIS A 203 19.41 5.95 9.39
N LYS A 204 18.85 4.77 9.04
CA LYS A 204 19.64 3.60 8.72
C LYS A 204 20.62 3.81 7.56
N PRO A 205 20.28 4.52 6.45
CA PRO A 205 21.29 4.68 5.38
C PRO A 205 22.63 5.25 5.84
N SER A 206 22.65 6.14 6.83
CA SER A 206 23.88 6.73 7.32
C SER A 206 24.39 6.14 8.62
N ASN A 207 23.70 5.14 9.21
CA ASN A 207 24.06 4.56 10.51
C ASN A 207 23.92 5.60 11.63
N THR A 208 22.99 6.55 11.51
CA THR A 208 22.82 7.58 12.52
C THR A 208 21.67 7.19 13.40
N LYS A 209 21.93 7.11 14.71
CA LYS A 209 20.92 6.88 15.75
C LYS A 209 21.16 7.97 16.76
N VAL A 210 20.14 8.80 17.01
CA VAL A 210 20.28 9.92 17.92
C VAL A 210 19.15 9.92 18.90
N ASP A 211 19.47 10.12 20.17
CA ASP A 211 18.48 10.30 21.22
C ASP A 211 18.59 11.74 21.69
N LYS A 212 17.47 12.48 21.66
CA LYS A 212 17.49 13.87 22.07
C LYS A 212 16.45 14.14 23.13
N ARG A 213 16.91 14.62 24.28
CA ARG A 213 16.10 14.96 25.44
C ARG A 213 15.49 16.34 25.23
N VAL A 214 14.16 16.44 25.25
CA VAL A 214 13.45 17.70 25.04
C VAL A 214 13.03 18.30 26.38
N GLU A 215 13.66 19.40 26.80
CA GLU A 215 13.36 20.01 28.09
C GLU A 215 12.58 21.32 27.95
N PRO A 216 11.74 21.72 28.93
CA PRO A 216 11.07 23.03 28.83
C PRO A 216 12.12 24.14 28.95
N LYS A 217 12.03 25.20 28.12
CA LYS A 217 13.07 26.25 28.10
C LYS A 217 13.23 27.06 29.41
N SER A 218 12.15 27.70 29.92
CA SER A 218 12.15 28.55 31.13
C SER A 218 12.75 29.94 30.90
N GLN B 1 3.98 2.93 -17.94
CA GLN B 1 2.65 2.89 -18.53
C GLN B 1 1.93 1.55 -18.32
N SER B 2 1.10 1.47 -17.25
CA SER B 2 0.31 0.31 -16.82
C SER B 2 -0.51 -0.34 -17.97
N ALA B 3 -0.40 -1.67 -18.08
CA ALA B 3 -1.09 -2.44 -19.11
C ALA B 3 -2.61 -2.40 -18.95
N LEU B 4 -3.10 -2.25 -17.71
CA LEU B 4 -4.54 -2.16 -17.47
C LEU B 4 -4.94 -0.71 -17.25
N THR B 5 -6.15 -0.38 -17.65
CA THR B 5 -6.66 0.95 -17.58
C THR B 5 -7.82 1.10 -16.62
N GLN B 6 -7.67 1.97 -15.61
CA GLN B 6 -8.77 2.29 -14.71
C GLN B 6 -8.93 3.85 -14.59
N PRO B 7 -10.02 4.38 -13.98
CA PRO B 7 -10.13 5.85 -13.85
C PRO B 7 -9.07 6.37 -12.87
N ALA B 8 -8.61 7.61 -13.08
CA ALA B 8 -7.61 8.20 -12.19
C ALA B 8 -8.20 8.44 -10.81
N SER B 9 -9.45 8.94 -10.76
CA SER B 9 -10.12 9.19 -9.51
C SER B 9 -11.62 8.92 -9.62
N VAL B 10 -12.28 8.67 -8.48
CA VAL B 10 -13.73 8.44 -8.39
C VAL B 10 -14.23 9.19 -7.11
N SER B 11 -15.30 9.99 -7.21
CA SER B 11 -15.82 10.73 -6.06
C SER B 11 -17.28 10.37 -5.81
N GLY B 12 -17.68 10.35 -4.54
CA GLY B 12 -19.05 10.03 -4.20
C GLY B 12 -19.46 10.27 -2.76
N SER B 13 -20.73 10.68 -2.57
CA SER B 13 -21.33 10.95 -1.26
C SER B 13 -21.43 9.67 -0.40
N PRO B 14 -21.35 9.77 0.95
CA PRO B 14 -21.41 8.54 1.77
C PRO B 14 -22.78 7.87 1.81
N GLY B 15 -22.79 6.60 2.19
CA GLY B 15 -23.99 5.78 2.20
C GLY B 15 -24.48 5.57 0.78
N GLN B 16 -23.56 5.35 -0.16
CA GLN B 16 -23.91 5.19 -1.57
C GLN B 16 -22.97 4.22 -2.29
N SER B 17 -23.45 3.64 -3.38
CA SER B 17 -22.65 2.73 -4.20
C SER B 17 -21.66 3.51 -5.06
N ILE B 18 -20.56 2.87 -5.43
CA ILE B 18 -19.53 3.46 -6.29
C ILE B 18 -18.84 2.34 -7.03
N THR B 19 -18.61 2.52 -8.33
CA THR B 19 -17.96 1.47 -9.12
C THR B 19 -16.75 1.96 -9.88
N ILE B 20 -15.64 1.24 -9.72
CA ILE B 20 -14.37 1.49 -10.40
C ILE B 20 -14.21 0.43 -11.49
N SER B 21 -13.93 0.86 -12.73
CA SER B 21 -13.78 -0.09 -13.83
C SER B 21 -12.34 -0.40 -14.16
N CYS B 22 -12.11 -1.62 -14.61
CA CYS B 22 -10.81 -2.10 -15.05
C CYS B 22 -10.95 -2.68 -16.43
N THR B 23 -10.02 -2.39 -17.32
CA THR B 23 -10.05 -2.89 -18.69
C THR B 23 -8.62 -3.05 -19.23
N GLY B 24 -8.44 -3.85 -20.27
CA GLY B 24 -7.13 -4.09 -20.81
C GLY B 24 -6.80 -3.41 -22.12
N THR B 25 -5.60 -3.63 -22.60
CA THR B 25 -5.15 -3.10 -23.88
C THR B 25 -5.00 -4.24 -24.94
N SER B 26 -5.20 -5.54 -24.53
CA SER B 26 -5.09 -6.76 -25.35
C SER B 26 -5.52 -8.04 -24.53
N SER B 27 -5.58 -9.23 -25.17
CA SER B 27 -5.92 -10.47 -24.45
C SER B 27 -4.74 -11.02 -23.64
N ASP B 28 -3.51 -10.73 -24.09
CA ASP B 28 -2.29 -11.21 -23.43
C ASP B 28 -2.05 -10.54 -22.05
N VAL B 29 -2.81 -9.46 -21.74
CA VAL B 29 -2.64 -8.78 -20.47
C VAL B 29 -3.91 -8.82 -19.62
N PHE B 30 -5.09 -8.80 -20.26
CA PHE B 30 -6.34 -8.75 -19.50
C PHE B 30 -7.29 -9.90 -19.72
N ARG B 31 -7.54 -10.66 -18.64
CA ARG B 31 -8.47 -11.79 -18.62
C ARG B 31 -9.44 -11.60 -17.45
N PRO B 32 -10.66 -11.08 -17.73
CA PRO B 32 -11.59 -10.78 -16.64
C PRO B 32 -11.87 -11.87 -15.60
N PRO B 33 -12.00 -13.19 -15.92
CA PRO B 33 -12.24 -14.16 -14.83
C PRO B 33 -11.10 -14.29 -13.81
N LEU B 34 -9.93 -13.67 -14.07
CA LEU B 34 -8.76 -13.72 -13.20
C LEU B 34 -8.36 -12.32 -12.74
N VAL B 35 -9.33 -11.49 -12.37
CA VAL B 35 -9.05 -10.14 -11.94
C VAL B 35 -9.09 -10.04 -10.45
N SER B 36 -8.10 -9.36 -9.88
CA SER B 36 -7.98 -9.11 -8.45
C SER B 36 -8.05 -7.61 -8.19
N TRP B 37 -8.46 -7.22 -7.00
CA TRP B 37 -8.56 -5.82 -6.62
C TRP B 37 -7.87 -5.63 -5.30
N TYR B 38 -7.15 -4.52 -5.16
CA TYR B 38 -6.41 -4.21 -3.95
C TYR B 38 -6.72 -2.82 -3.42
N GLN B 39 -6.80 -2.68 -2.12
CA GLN B 39 -7.00 -1.39 -1.47
C GLN B 39 -5.67 -0.97 -0.84
N GLN B 40 -5.26 0.29 -1.02
CA GLN B 40 -4.02 0.79 -0.44
C GLN B 40 -4.23 2.15 0.22
N HIS B 41 -4.11 2.16 1.54
CA HIS B 41 -4.22 3.38 2.32
C HIS B 41 -2.86 4.09 2.41
N PRO B 42 -2.87 5.42 2.60
CA PRO B 42 -1.59 6.18 2.69
C PRO B 42 -0.55 5.59 3.60
N GLY B 43 0.63 5.36 3.06
CA GLY B 43 1.74 4.81 3.82
C GLY B 43 1.62 3.35 4.20
N LYS B 44 0.65 2.63 3.64
CA LYS B 44 0.44 1.22 3.95
C LYS B 44 0.63 0.33 2.73
N ALA B 45 0.73 -0.98 2.96
CA ALA B 45 0.89 -1.95 1.88
C ALA B 45 -0.49 -2.28 1.30
N PRO B 46 -0.56 -2.73 0.02
CA PRO B 46 -1.85 -3.10 -0.56
C PRO B 46 -2.51 -4.27 0.19
N LYS B 47 -3.84 -4.33 0.13
CA LYS B 47 -4.65 -5.34 0.78
C LYS B 47 -5.58 -5.98 -0.25
N LEU B 48 -5.63 -7.32 -0.33
CA LEU B 48 -6.50 -8.00 -1.29
C LEU B 48 -7.98 -7.83 -0.93
N MET B 49 -8.79 -7.25 -1.83
CA MET B 49 -10.22 -7.08 -1.59
C MET B 49 -11.04 -8.12 -2.34
N ILE B 50 -10.76 -8.34 -3.62
CA ILE B 50 -11.50 -9.31 -4.46
C ILE B 50 -10.50 -10.09 -5.32
N TYR B 51 -10.74 -11.36 -5.55
CA TYR B 51 -9.92 -12.17 -6.45
C TYR B 51 -10.83 -12.99 -7.34
N PHE B 52 -10.32 -13.44 -8.50
CA PHE B 52 -11.10 -14.21 -9.46
C PHE B 52 -12.39 -13.46 -9.86
N ALA B 53 -12.24 -12.13 -10.03
CA ALA B 53 -13.22 -11.13 -10.40
C ALA B 53 -14.34 -10.88 -9.39
N SER B 54 -14.82 -11.91 -8.67
CA SER B 54 -15.96 -11.74 -7.76
C SER B 54 -15.81 -12.39 -6.41
N LEU B 55 -14.70 -13.08 -6.15
CA LEU B 55 -14.53 -13.77 -4.89
C LEU B 55 -13.96 -12.89 -3.81
N ARG B 56 -14.52 -12.97 -2.60
CA ARG B 56 -14.12 -12.12 -1.49
C ARG B 56 -13.35 -12.89 -0.40
N PRO B 57 -12.09 -12.52 -0.14
CA PRO B 57 -11.32 -13.21 0.91
C PRO B 57 -11.94 -13.08 2.30
N SER B 58 -11.57 -13.99 3.20
CA SER B 58 -12.06 -13.96 4.57
C SER B 58 -11.52 -12.72 5.26
N GLY B 59 -12.43 -11.97 5.86
CA GLY B 59 -12.06 -10.73 6.53
C GLY B 59 -12.54 -9.50 5.79
N VAL B 60 -12.69 -9.58 4.46
CA VAL B 60 -13.12 -8.44 3.67
C VAL B 60 -14.62 -8.20 3.83
N SER B 61 -15.00 -6.96 4.08
CA SER B 61 -16.39 -6.55 4.27
C SER B 61 -17.28 -6.92 3.09
N ASN B 62 -18.50 -7.38 3.38
CA ASN B 62 -19.49 -7.70 2.34
C ASN B 62 -19.94 -6.45 1.53
N ARG B 63 -19.51 -5.24 1.94
CA ARG B 63 -19.77 -4.02 1.17
C ARG B 63 -18.91 -4.00 -0.12
N PHE B 64 -17.84 -4.79 -0.18
CA PHE B 64 -16.97 -4.87 -1.33
C PHE B 64 -17.37 -6.07 -2.16
N SER B 65 -17.69 -5.85 -3.43
CA SER B 65 -18.05 -6.91 -4.38
C SER B 65 -17.45 -6.61 -5.75
N GLY B 66 -17.27 -7.63 -6.56
CA GLY B 66 -16.70 -7.45 -7.90
C GLY B 66 -17.51 -8.17 -8.93
N SER B 67 -17.43 -7.74 -10.18
CA SER B 67 -18.16 -8.36 -11.27
C SER B 67 -17.40 -8.23 -12.59
N LYS B 68 -17.85 -8.92 -13.63
CA LYS B 68 -17.26 -8.83 -14.95
C LYS B 68 -18.37 -8.86 -16.00
N SER B 69 -18.12 -8.20 -17.13
CA SER B 69 -19.05 -8.15 -18.26
C SER B 69 -18.22 -7.86 -19.48
N GLY B 70 -18.25 -8.75 -20.48
CA GLY B 70 -17.43 -8.60 -21.66
C GLY B 70 -15.95 -8.56 -21.33
N ASN B 71 -15.23 -7.57 -21.87
CA ASN B 71 -13.81 -7.40 -21.60
C ASN B 71 -13.64 -6.30 -20.59
N THR B 72 -14.39 -6.42 -19.48
CA THR B 72 -14.42 -5.43 -18.40
C THR B 72 -14.59 -6.12 -17.04
N ALA B 73 -13.93 -5.58 -16.03
CA ALA B 73 -14.04 -6.00 -14.63
C ALA B 73 -14.40 -4.76 -13.81
N SER B 74 -15.17 -4.93 -12.72
CA SER B 74 -15.58 -3.78 -11.90
C SER B 74 -15.50 -4.05 -10.42
N LEU B 75 -15.17 -3.02 -9.64
CA LEU B 75 -15.18 -3.12 -8.19
C LEU B 75 -16.31 -2.21 -7.71
N THR B 76 -17.27 -2.76 -6.97
CA THR B 76 -18.37 -1.98 -6.43
C THR B 76 -18.27 -1.90 -4.90
N ILE B 77 -18.38 -0.70 -4.36
CA ILE B 77 -18.37 -0.50 -2.92
C ILE B 77 -19.75 -0.03 -2.53
N SER B 78 -20.47 -0.82 -1.74
CA SER B 78 -21.81 -0.47 -1.28
C SER B 78 -21.76 0.18 0.10
N GLY B 79 -22.66 1.11 0.37
CA GLY B 79 -22.71 1.84 1.64
C GLY B 79 -21.40 2.51 1.98
N LEU B 80 -21.00 3.48 1.14
CA LEU B 80 -19.72 4.18 1.28
C LEU B 80 -19.50 4.75 2.67
N GLN B 81 -18.34 4.48 3.24
CA GLN B 81 -17.95 5.03 4.53
C GLN B 81 -16.69 5.89 4.33
N ALA B 82 -16.40 6.76 5.29
CA ALA B 82 -15.23 7.63 5.21
C ALA B 82 -13.93 6.81 5.15
N GLU B 83 -13.86 5.68 5.87
CA GLU B 83 -12.68 4.81 5.89
C GLU B 83 -12.35 4.19 4.53
N ASP B 84 -13.29 4.25 3.55
CA ASP B 84 -13.07 3.69 2.22
C ASP B 84 -12.12 4.54 1.37
N GLU B 85 -11.85 5.80 1.76
CA GLU B 85 -10.89 6.67 1.04
C GLU B 85 -9.51 6.01 1.07
N ALA B 86 -9.03 5.61 -0.12
CA ALA B 86 -7.79 4.88 -0.33
C ALA B 86 -7.56 4.80 -1.86
N ASP B 87 -6.40 4.27 -2.32
CA ASP B 87 -6.20 4.01 -3.73
C ASP B 87 -6.59 2.54 -3.98
N TYR B 88 -7.27 2.28 -5.11
CA TYR B 88 -7.69 0.94 -5.47
C TYR B 88 -7.00 0.52 -6.76
N TYR B 89 -6.48 -0.70 -6.80
CA TYR B 89 -5.78 -1.18 -7.98
C TYR B 89 -6.38 -2.47 -8.45
N CYS B 90 -6.54 -2.61 -9.76
CA CYS B 90 -6.94 -3.89 -10.32
C CYS B 90 -5.67 -4.55 -10.86
N SER B 91 -5.73 -5.86 -11.00
CA SER B 91 -4.63 -6.65 -11.52
C SER B 91 -5.19 -7.87 -12.24
N SER B 92 -4.43 -8.37 -13.20
CA SER B 92 -4.82 -9.58 -13.90
C SER B 92 -3.61 -10.44 -14.18
N TRP B 93 -3.83 -11.75 -14.27
CA TRP B 93 -2.78 -12.67 -14.67
C TRP B 93 -2.54 -12.44 -16.17
N ASP B 94 -1.29 -12.61 -16.65
CA ASP B 94 -1.05 -12.42 -18.09
C ASP B 94 -1.45 -13.69 -18.91
N HIS B 95 -1.26 -13.67 -20.23
CA HIS B 95 -1.62 -14.78 -21.12
C HIS B 95 -0.91 -16.09 -20.77
N THR B 96 0.34 -16.02 -20.27
CA THR B 96 1.16 -17.18 -19.90
C THR B 96 0.60 -17.91 -18.67
N GLY B 97 -0.01 -17.14 -17.76
CA GLY B 97 -0.52 -17.67 -16.51
C GLY B 97 0.54 -17.65 -15.42
N ASP B 98 1.62 -16.87 -15.59
CA ASP B 98 2.70 -16.81 -14.61
C ASP B 98 3.00 -15.40 -14.17
N GLY B 99 2.94 -14.46 -15.11
CA GLY B 99 3.19 -13.06 -14.83
C GLY B 99 1.93 -12.30 -14.48
N HIS B 100 2.08 -11.04 -14.11
CA HIS B 100 0.97 -10.20 -13.70
C HIS B 100 1.11 -8.79 -14.27
N VAL B 101 -0.01 -8.07 -14.32
CA VAL B 101 -0.08 -6.66 -14.70
C VAL B 101 -1.01 -5.94 -13.73
N PHE B 102 -0.80 -4.64 -13.52
CA PHE B 102 -1.65 -3.83 -12.65
C PHE B 102 -2.25 -2.66 -13.43
N GLY B 103 -3.38 -2.16 -12.95
CA GLY B 103 -3.96 -0.93 -13.44
C GLY B 103 -3.21 0.23 -12.79
N GLY B 104 -3.41 1.44 -13.30
CA GLY B 104 -2.73 2.62 -12.78
C GLY B 104 -3.21 3.15 -11.45
N GLY B 105 -4.26 2.55 -10.90
CA GLY B 105 -4.85 2.94 -9.63
C GLY B 105 -5.94 3.99 -9.71
N THR B 106 -6.85 3.98 -8.74
CA THR B 106 -7.94 4.94 -8.68
C THR B 106 -8.03 5.49 -7.27
N LYS B 107 -7.95 6.80 -7.11
CA LYS B 107 -8.09 7.45 -5.82
C LYS B 107 -9.57 7.67 -5.53
N LEU B 108 -10.10 7.04 -4.46
CA LEU B 108 -11.51 7.18 -4.08
C LEU B 108 -11.73 8.31 -3.07
N THR B 109 -12.60 9.25 -3.40
CA THR B 109 -12.94 10.38 -2.56
C THR B 109 -14.39 10.26 -2.06
N VAL B 110 -14.58 10.35 -0.74
CA VAL B 110 -15.90 10.32 -0.10
C VAL B 110 -16.25 11.80 0.21
N LEU B 111 -17.18 12.37 -0.56
CA LEU B 111 -17.54 13.79 -0.61
C LEU B 111 -18.34 14.42 0.53
N GLY B 112 -18.67 13.68 1.58
CA GLY B 112 -19.49 14.25 2.65
C GLY B 112 -18.78 15.14 3.65
N GLN B 113 -17.50 14.81 3.92
CA GLN B 113 -16.62 15.45 4.89
C GLN B 113 -16.83 16.96 5.17
N PRO B 114 -17.02 17.31 6.45
CA PRO B 114 -17.19 18.73 6.81
C PRO B 114 -15.84 19.47 6.89
N LYS B 115 -15.87 20.79 6.64
CA LYS B 115 -14.67 21.64 6.66
C LYS B 115 -14.04 21.71 8.04
N ALA B 116 -12.71 21.70 8.09
CA ALA B 116 -11.97 21.78 9.33
C ALA B 116 -10.85 22.80 9.19
N ALA B 117 -10.74 23.72 10.16
CA ALA B 117 -9.71 24.75 10.16
C ALA B 117 -8.36 24.15 10.60
N PRO B 118 -7.23 24.67 10.08
CA PRO B 118 -5.93 24.09 10.46
C PRO B 118 -5.52 24.45 11.87
N SER B 119 -4.87 23.51 12.53
CA SER B 119 -4.28 23.75 13.84
C SER B 119 -2.82 24.09 13.52
N VAL B 120 -2.34 25.28 13.88
CA VAL B 120 -0.97 25.68 13.57
C VAL B 120 -0.10 25.84 14.82
N THR B 121 1.10 25.24 14.79
CA THR B 121 2.09 25.32 15.85
C THR B 121 3.39 25.83 15.24
N LEU B 122 3.92 26.93 15.79
CA LEU B 122 5.15 27.54 15.33
C LEU B 122 6.24 27.42 16.38
N PHE B 123 7.40 26.90 16.01
CA PHE B 123 8.51 26.76 16.92
C PHE B 123 9.66 27.66 16.53
N PRO B 124 10.26 28.36 17.51
CA PRO B 124 11.45 29.17 17.23
C PRO B 124 12.70 28.29 17.05
N PRO B 125 13.85 28.83 16.59
CA PRO B 125 15.05 28.01 16.52
C PRO B 125 15.49 27.60 17.93
N SER B 126 15.92 26.35 18.13
CA SER B 126 16.41 25.88 19.43
C SER B 126 17.75 26.55 19.76
N SER B 127 18.10 26.63 21.05
CA SER B 127 19.38 27.19 21.46
C SER B 127 20.55 26.36 20.93
N GLU B 128 20.37 25.02 20.87
CA GLU B 128 21.39 24.13 20.35
C GLU B 128 21.66 24.42 18.87
N GLU B 129 20.62 24.70 18.08
CA GLU B 129 20.80 25.01 16.67
C GLU B 129 21.47 26.35 16.48
N LEU B 130 21.09 27.34 17.30
CA LEU B 130 21.70 28.66 17.24
C LEU B 130 23.19 28.59 17.56
N GLN B 131 23.59 27.69 18.48
CA GLN B 131 25.01 27.50 18.81
C GLN B 131 25.79 26.96 17.60
N ALA B 132 25.13 26.19 16.72
CA ALA B 132 25.76 25.72 15.51
C ALA B 132 25.65 26.75 14.36
N ASN B 133 25.42 28.04 14.68
CA ASN B 133 25.30 29.16 13.75
C ASN B 133 24.24 28.95 12.66
N LYS B 134 23.15 28.28 13.02
CA LYS B 134 22.04 28.04 12.11
C LYS B 134 20.73 28.40 12.82
N ALA B 135 19.65 28.62 12.07
CA ALA B 135 18.35 28.89 12.65
C ALA B 135 17.25 28.47 11.69
N THR B 136 16.25 27.75 12.20
CA THR B 136 15.13 27.26 11.42
C THR B 136 13.85 27.45 12.22
N LEU B 137 12.87 28.10 11.60
CA LEU B 137 11.53 28.29 12.17
C LEU B 137 10.67 27.17 11.66
N VAL B 138 9.94 26.49 12.55
CA VAL B 138 9.15 25.32 12.18
C VAL B 138 7.66 25.55 12.33
N CYS B 139 6.94 25.56 11.22
CA CYS B 139 5.50 25.79 11.22
C CYS B 139 4.77 24.48 10.86
N LEU B 140 4.06 23.89 11.82
CA LEU B 140 3.37 22.63 11.66
C LEU B 140 1.87 22.81 11.58
N ILE B 141 1.28 22.41 10.46
CA ILE B 141 -0.14 22.62 10.14
C ILE B 141 -0.88 21.28 10.06
N SER B 142 -1.93 21.06 10.87
CA SER B 142 -2.61 19.75 10.87
C SER B 142 -4.13 19.86 11.03
N ASP B 143 -4.84 18.73 10.80
CA ASP B 143 -6.28 18.61 10.98
C ASP B 143 -7.10 19.62 10.19
N PHE B 144 -6.71 19.88 8.94
CA PHE B 144 -7.48 20.78 8.10
C PHE B 144 -8.15 20.04 6.96
N TYR B 145 -9.32 20.51 6.54
CA TYR B 145 -10.06 19.95 5.43
C TYR B 145 -10.91 21.01 4.76
N PRO B 146 -10.92 21.11 3.40
CA PRO B 146 -10.16 20.33 2.41
C PRO B 146 -8.64 20.55 2.44
N GLY B 147 -7.92 19.72 1.69
CA GLY B 147 -6.46 19.71 1.69
C GLY B 147 -5.74 20.73 0.86
N ALA B 148 -6.05 22.00 1.08
CA ALA B 148 -5.41 23.08 0.35
C ALA B 148 -5.21 24.27 1.27
N VAL B 149 -3.95 24.67 1.44
CA VAL B 149 -3.59 25.83 2.25
C VAL B 149 -2.52 26.66 1.51
N THR B 150 -2.41 27.93 1.87
CA THR B 150 -1.36 28.79 1.36
C THR B 150 -0.64 29.37 2.57
N VAL B 151 0.70 29.25 2.61
CA VAL B 151 1.49 29.68 3.75
C VAL B 151 2.31 30.91 3.42
N ALA B 152 2.30 31.91 4.30
CA ALA B 152 3.06 33.15 4.14
C ALA B 152 3.85 33.46 5.40
N TRP B 153 5.13 33.79 5.26
CA TRP B 153 5.98 34.14 6.38
C TRP B 153 6.21 35.65 6.46
N LYS B 154 6.31 36.16 7.69
CA LYS B 154 6.52 37.58 7.95
C LYS B 154 7.66 37.81 8.92
N ALA B 155 8.55 38.75 8.61
CA ALA B 155 9.60 39.18 9.52
C ALA B 155 9.03 40.50 10.03
N ASP B 156 8.50 40.52 11.27
CA ASP B 156 7.82 41.63 11.93
C ASP B 156 7.18 42.69 10.97
N SER B 157 6.20 42.25 10.12
CA SER B 157 5.40 43.03 9.14
C SER B 157 5.79 42.88 7.68
N SER B 158 7.01 42.41 7.37
CA SER B 158 7.46 42.29 5.99
C SER B 158 7.36 40.86 5.48
N PRO B 159 6.79 40.67 4.28
CA PRO B 159 6.71 39.32 3.71
C PRO B 159 8.08 38.77 3.38
N VAL B 160 8.31 37.50 3.70
CA VAL B 160 9.58 36.85 3.48
C VAL B 160 9.40 35.78 2.42
N LYS B 161 9.98 35.98 1.23
CA LYS B 161 9.85 34.98 0.17
C LYS B 161 11.08 34.07 0.02
N ALA B 162 12.22 34.43 0.64
CA ALA B 162 13.43 33.61 0.55
C ALA B 162 13.64 32.70 1.74
N GLY B 163 14.16 31.51 1.48
CA GLY B 163 14.45 30.55 2.55
C GLY B 163 13.25 29.77 3.04
N VAL B 164 12.13 29.81 2.31
CA VAL B 164 10.93 29.08 2.72
C VAL B 164 10.74 27.75 1.95
N GLU B 165 10.53 26.64 2.69
CA GLU B 165 10.25 25.34 2.10
C GLU B 165 8.95 24.79 2.71
N THR B 166 7.92 24.55 1.90
CA THR B 166 6.63 24.07 2.39
C THR B 166 6.26 22.77 1.70
N THR B 167 5.75 21.78 2.45
CA THR B 167 5.32 20.51 1.86
C THR B 167 3.95 20.69 1.21
N THR B 168 3.60 19.78 0.30
CA THR B 168 2.25 19.72 -0.23
C THR B 168 1.46 19.00 0.87
N PRO B 169 0.18 19.32 1.06
CA PRO B 169 -0.60 18.64 2.11
C PRO B 169 -0.72 17.15 1.87
N SER B 170 -0.67 16.36 2.95
CA SER B 170 -0.78 14.92 2.90
C SER B 170 -1.95 14.46 3.77
N LYS B 171 -2.62 13.40 3.33
CA LYS B 171 -3.78 12.88 4.04
C LYS B 171 -3.37 12.11 5.28
N GLN B 172 -3.98 12.45 6.42
CA GLN B 172 -3.77 11.80 7.71
C GLN B 172 -4.74 10.61 7.85
N SER B 173 -4.58 9.80 8.89
CA SER B 173 -5.44 8.64 9.13
C SER B 173 -6.91 9.03 9.32
N ASN B 174 -7.15 10.19 9.96
CA ASN B 174 -8.52 10.65 10.18
C ASN B 174 -9.15 11.34 8.95
N ASN B 175 -8.49 11.22 7.78
CA ASN B 175 -8.92 11.80 6.51
C ASN B 175 -8.78 13.32 6.42
N LYS B 176 -8.29 13.98 7.48
CA LYS B 176 -7.96 15.40 7.42
C LYS B 176 -6.53 15.51 6.83
N TYR B 177 -5.98 16.74 6.72
CA TYR B 177 -4.68 16.91 6.10
C TYR B 177 -3.66 17.57 7.00
N ALA B 178 -2.39 17.33 6.69
CA ALA B 178 -1.25 17.93 7.37
C ALA B 178 -0.24 18.45 6.37
N ALA B 179 0.48 19.48 6.75
CA ALA B 179 1.54 20.09 5.95
C ALA B 179 2.49 20.82 6.89
N SER B 180 3.71 21.11 6.44
CA SER B 180 4.67 21.83 7.26
C SER B 180 5.45 22.81 6.44
N SER B 181 5.83 23.91 7.06
CA SER B 181 6.61 24.93 6.40
C SER B 181 7.82 25.29 7.26
N TYR B 182 8.97 25.49 6.60
CA TYR B 182 10.23 25.76 7.26
C TYR B 182 10.84 27.04 6.73
N LEU B 183 11.29 27.92 7.62
CA LEU B 183 11.94 29.16 7.22
C LEU B 183 13.38 29.12 7.72
N SER B 184 14.34 29.20 6.81
CA SER B 184 15.74 29.19 7.18
C SER B 184 16.22 30.62 7.32
N LEU B 185 16.90 30.91 8.43
CA LEU B 185 17.47 32.24 8.64
C LEU B 185 18.80 32.16 9.36
N THR B 186 19.60 33.20 9.25
CA THR B 186 20.88 33.26 9.96
C THR B 186 20.55 33.61 11.41
N PRO B 187 21.39 33.22 12.39
CA PRO B 187 21.13 33.67 13.77
C PRO B 187 21.05 35.20 13.88
N GLU B 188 21.79 35.93 13.01
CA GLU B 188 21.79 37.40 12.98
C GLU B 188 20.39 37.93 12.59
N GLN B 189 19.73 37.29 11.59
CA GLN B 189 18.40 37.68 11.13
C GLN B 189 17.36 37.43 12.22
N TRP B 190 17.46 36.28 12.91
CA TRP B 190 16.54 35.92 13.99
C TRP B 190 16.60 36.97 15.13
N LYS B 191 17.81 37.40 15.51
CA LYS B 191 17.97 38.38 16.57
C LYS B 191 17.79 39.83 16.12
N SER B 192 17.70 40.07 14.81
CA SER B 192 17.53 41.44 14.32
C SER B 192 16.08 41.81 14.00
N HIS B 193 15.11 41.00 14.45
CA HIS B 193 13.70 41.31 14.25
C HIS B 193 12.95 41.19 15.55
N ARG B 194 11.83 41.92 15.65
CA ARG B 194 10.95 41.88 16.83
C ARG B 194 10.38 40.47 16.96
N SER B 195 9.94 39.91 15.83
CA SER B 195 9.33 38.60 15.78
C SER B 195 9.19 38.12 14.33
N TYR B 196 8.81 36.85 14.18
CA TYR B 196 8.51 36.24 12.91
C TYR B 196 7.13 35.58 12.98
N SER B 197 6.41 35.54 11.87
CA SER B 197 5.08 34.98 11.84
C SER B 197 4.87 34.00 10.71
N CYS B 198 4.10 32.94 11.00
CA CYS B 198 3.68 31.94 10.03
C CYS B 198 2.17 32.15 9.89
N GLN B 199 1.72 32.50 8.69
CA GLN B 199 0.32 32.77 8.45
C GLN B 199 -0.23 31.80 7.45
N VAL B 200 -1.24 31.00 7.85
CA VAL B 200 -1.80 30.01 6.96
C VAL B 200 -3.25 30.33 6.60
N THR B 201 -3.55 30.36 5.29
CA THR B 201 -4.90 30.66 4.86
C THR B 201 -5.57 29.40 4.35
N HIS B 202 -6.77 29.13 4.85
CA HIS B 202 -7.52 27.94 4.51
C HIS B 202 -8.96 28.33 4.27
N GLU B 203 -9.40 28.25 3.00
CA GLU B 203 -10.76 28.60 2.59
C GLU B 203 -11.13 30.02 3.01
N GLY B 204 -10.23 30.96 2.71
CA GLY B 204 -10.44 32.36 3.03
C GLY B 204 -10.38 32.71 4.50
N SER B 205 -9.89 31.80 5.33
CA SER B 205 -9.77 32.05 6.77
C SER B 205 -8.31 31.89 7.16
N THR B 206 -7.77 32.91 7.79
CA THR B 206 -6.37 32.94 8.15
C THR B 206 -6.11 32.61 9.61
N VAL B 207 -5.13 31.72 9.85
CA VAL B 207 -4.68 31.32 11.18
C VAL B 207 -3.20 31.71 11.27
N GLU B 208 -2.86 32.60 12.20
CA GLU B 208 -1.48 33.06 12.35
C GLU B 208 -0.87 32.78 13.72
N LYS B 209 0.42 32.42 13.71
CA LYS B 209 1.19 32.21 14.92
C LYS B 209 2.45 33.06 14.83
N THR B 210 2.89 33.57 15.97
CA THR B 210 4.05 34.45 16.01
C THR B 210 5.02 33.99 17.08
N VAL B 211 6.31 34.05 16.76
CA VAL B 211 7.35 33.66 17.70
C VAL B 211 8.44 34.75 17.74
N ALA B 212 9.08 34.92 18.90
CA ALA B 212 10.08 35.96 19.07
C ALA B 212 11.27 35.47 19.85
N PRO B 213 12.45 36.11 19.67
CA PRO B 213 13.65 35.71 20.43
C PRO B 213 13.48 35.71 21.96
N THR B 214 12.58 36.53 22.49
CA THR B 214 12.33 36.61 23.93
C THR B 214 10.84 36.34 24.21
N GLU B 215 10.45 35.05 24.20
CA GLU B 215 9.07 34.61 24.39
C GLU B 215 9.04 33.18 24.94
N ALA C 2 4.32 -21.99 -17.68
CA ALA C 2 3.08 -21.58 -18.32
C ALA C 2 1.90 -22.41 -17.84
N PHE C 3 1.27 -21.98 -16.74
CA PHE C 3 0.14 -22.71 -16.18
C PHE C 3 -1.04 -22.74 -17.15
N THR C 4 -1.44 -23.94 -17.57
CA THR C 4 -2.53 -24.10 -18.52
C THR C 4 -3.58 -25.07 -18.01
N VAL C 5 -4.83 -24.67 -18.08
CA VAL C 5 -5.96 -25.52 -17.76
C VAL C 5 -6.49 -26.05 -19.09
N THR C 6 -6.79 -27.35 -19.18
CA THR C 6 -7.32 -27.94 -20.41
C THR C 6 -8.67 -28.60 -20.16
N VAL C 7 -9.46 -28.81 -21.23
CA VAL C 7 -10.73 -29.48 -21.10
C VAL C 7 -10.78 -30.68 -22.04
N PRO C 8 -11.15 -31.87 -21.51
CA PRO C 8 -11.30 -33.02 -22.41
C PRO C 8 -12.43 -32.82 -23.41
N LYS C 9 -13.46 -32.04 -23.02
CA LYS C 9 -14.60 -31.71 -23.87
C LYS C 9 -15.01 -30.29 -23.59
N ASP C 10 -15.29 -29.51 -24.64
CA ASP C 10 -15.77 -28.15 -24.46
C ASP C 10 -17.31 -28.04 -24.55
N LEU C 11 -18.00 -29.15 -24.85
CA LEU C 11 -19.45 -29.18 -24.98
C LEU C 11 -20.02 -30.51 -24.46
N TYR C 12 -21.07 -30.42 -23.64
CA TYR C 12 -21.73 -31.59 -23.09
C TYR C 12 -23.21 -31.50 -23.41
N VAL C 13 -23.80 -32.60 -23.91
CA VAL C 13 -25.22 -32.68 -24.19
C VAL C 13 -25.82 -33.63 -23.16
N VAL C 14 -26.71 -33.11 -22.32
CA VAL C 14 -27.25 -33.86 -21.19
C VAL C 14 -28.76 -33.95 -21.23
N GLU C 15 -29.32 -35.07 -20.74
CA GLU C 15 -30.76 -35.24 -20.69
C GLU C 15 -31.33 -34.73 -19.38
N TYR C 16 -32.50 -34.08 -19.45
CA TYR C 16 -33.22 -33.55 -18.29
C TYR C 16 -33.43 -34.63 -17.22
N GLY C 17 -33.17 -34.26 -15.97
CA GLY C 17 -33.31 -35.20 -14.85
C GLY C 17 -32.09 -36.06 -14.59
N SER C 18 -31.17 -36.16 -15.56
CA SER C 18 -29.97 -36.97 -15.39
C SER C 18 -28.90 -36.22 -14.56
N ASN C 19 -27.80 -36.90 -14.25
CA ASN C 19 -26.69 -36.30 -13.54
C ASN C 19 -25.60 -36.00 -14.54
N MET C 20 -24.82 -34.96 -14.29
CA MET C 20 -23.78 -34.53 -15.21
C MET C 20 -22.49 -34.24 -14.48
N THR C 21 -21.36 -34.65 -15.04
CA THR C 21 -20.07 -34.34 -14.47
C THR C 21 -19.15 -33.69 -15.53
N ILE C 22 -18.78 -32.42 -15.33
CA ILE C 22 -17.91 -31.72 -16.28
C ILE C 22 -16.50 -31.52 -15.69
N GLU C 23 -15.47 -31.61 -16.52
CA GLU C 23 -14.09 -31.59 -16.04
C GLU C 23 -13.16 -30.55 -16.64
N CYS C 24 -12.24 -30.06 -15.80
CA CYS C 24 -11.11 -29.20 -16.17
C CYS C 24 -9.86 -29.88 -15.62
N LYS C 25 -8.80 -29.93 -16.42
CA LYS C 25 -7.56 -30.53 -15.99
C LYS C 25 -6.48 -29.47 -15.77
N PHE C 26 -5.65 -29.67 -14.75
CA PHE C 26 -4.57 -28.75 -14.41
C PHE C 26 -3.31 -29.52 -14.08
N PRO C 27 -2.13 -28.91 -14.27
CA PRO C 27 -0.88 -29.66 -14.02
C PRO C 27 -0.61 -30.03 -12.57
N VAL C 28 -0.30 -31.31 -12.31
CA VAL C 28 0.08 -31.75 -10.96
C VAL C 28 1.51 -32.21 -10.95
N GLU C 29 2.28 -31.82 -9.92
CA GLU C 29 3.69 -32.17 -9.83
C GLU C 29 3.99 -33.35 -8.90
N LYS C 30 3.05 -34.29 -8.72
CA LYS C 30 3.22 -35.52 -7.92
C LYS C 30 3.24 -35.27 -6.37
N GLN C 31 3.65 -34.08 -5.92
CA GLN C 31 3.69 -33.77 -4.48
C GLN C 31 2.61 -32.75 -4.17
N LEU C 32 1.38 -33.09 -4.59
CA LEU C 32 0.18 -32.27 -4.51
C LEU C 32 -0.10 -31.63 -3.13
N ASP C 33 -0.22 -30.29 -3.12
CA ASP C 33 -0.56 -29.57 -1.92
C ASP C 33 -1.86 -28.82 -2.13
N LEU C 34 -2.97 -29.33 -1.58
CA LEU C 34 -4.27 -28.71 -1.74
C LEU C 34 -4.40 -27.35 -1.02
N ALA C 35 -3.49 -27.01 -0.10
CA ALA C 35 -3.52 -25.69 0.54
C ALA C 35 -3.21 -24.56 -0.45
N ALA C 36 -2.53 -24.87 -1.56
CA ALA C 36 -2.19 -23.93 -2.62
C ALA C 36 -3.20 -23.91 -3.78
N LEU C 37 -4.10 -24.90 -3.85
CA LEU C 37 -5.08 -25.02 -4.92
C LEU C 37 -6.38 -24.26 -4.66
N ILE C 38 -6.82 -23.49 -5.68
CA ILE C 38 -8.10 -22.81 -5.70
C ILE C 38 -8.87 -23.29 -6.93
N VAL C 39 -10.10 -23.75 -6.73
CA VAL C 39 -10.96 -24.21 -7.82
C VAL C 39 -12.27 -23.43 -7.77
N TYR C 40 -12.61 -22.71 -8.85
CA TYR C 40 -13.83 -21.92 -8.90
C TYR C 40 -14.67 -22.27 -10.13
N TRP C 41 -15.93 -22.66 -9.92
CA TRP C 41 -16.84 -22.99 -11.01
C TRP C 41 -18.01 -21.99 -11.00
N GLU C 42 -18.36 -21.45 -12.17
CA GLU C 42 -19.41 -20.45 -12.31
C GLU C 42 -20.25 -20.72 -13.57
N MET C 43 -21.53 -20.31 -13.57
CA MET C 43 -22.42 -20.42 -14.72
C MET C 43 -23.15 -19.08 -14.76
N GLU C 44 -23.03 -18.32 -15.86
CA GLU C 44 -23.68 -17.00 -15.99
C GLU C 44 -23.62 -16.11 -14.71
N ASP C 45 -22.41 -15.87 -14.19
CA ASP C 45 -22.14 -15.04 -13.01
C ASP C 45 -22.68 -15.63 -11.67
N LYS C 46 -23.25 -16.84 -11.71
CA LYS C 46 -23.73 -17.49 -10.48
C LYS C 46 -22.65 -18.43 -9.97
N ASN C 47 -22.25 -18.27 -8.71
CA ASN C 47 -21.23 -19.07 -8.06
C ASN C 47 -21.69 -20.50 -7.91
N ILE C 48 -20.90 -21.49 -8.33
CA ILE C 48 -21.27 -22.89 -8.15
C ILE C 48 -20.42 -23.58 -7.10
N ILE C 49 -19.07 -23.50 -7.25
CA ILE C 49 -18.12 -24.13 -6.36
C ILE C 49 -17.01 -23.19 -6.01
N GLN C 50 -16.54 -23.25 -4.77
CA GLN C 50 -15.38 -22.51 -4.31
C GLN C 50 -14.59 -23.48 -3.47
N PHE C 51 -13.49 -24.05 -3.99
CA PHE C 51 -12.64 -24.94 -3.21
C PHE C 51 -11.39 -24.15 -2.89
N VAL C 52 -11.30 -23.66 -1.65
CA VAL C 52 -10.24 -22.79 -1.17
C VAL C 52 -9.75 -23.30 0.16
N HIS C 53 -8.43 -23.26 0.39
CA HIS C 53 -7.82 -23.69 1.63
C HIS C 53 -8.17 -25.14 1.97
N GLY C 54 -8.25 -25.99 0.96
CA GLY C 54 -8.56 -27.39 1.13
C GLY C 54 -9.98 -27.68 1.59
N GLU C 55 -10.89 -26.70 1.45
CA GLU C 55 -12.26 -26.86 1.89
C GLU C 55 -13.23 -26.28 0.87
N GLU C 56 -14.39 -26.93 0.72
CA GLU C 56 -15.42 -26.41 -0.16
C GLU C 56 -16.20 -25.38 0.66
N ASP C 57 -16.24 -24.13 0.20
CA ASP C 57 -16.96 -23.08 0.89
C ASP C 57 -18.36 -23.00 0.31
N LEU C 58 -19.31 -23.70 0.94
CA LEU C 58 -20.68 -23.72 0.48
C LEU C 58 -21.48 -22.47 0.89
N LYS C 59 -20.93 -21.62 1.76
CA LYS C 59 -21.57 -20.40 2.25
C LYS C 59 -21.87 -19.34 1.17
N VAL C 60 -21.24 -19.49 0.00
CA VAL C 60 -21.39 -18.57 -1.12
C VAL C 60 -22.14 -19.19 -2.33
N GLN C 61 -22.57 -20.45 -2.23
CA GLN C 61 -23.25 -21.17 -3.30
C GLN C 61 -24.59 -20.57 -3.70
N HIS C 62 -24.78 -20.35 -5.02
CA HIS C 62 -26.02 -19.81 -5.56
C HIS C 62 -27.15 -20.81 -5.34
N SER C 63 -28.35 -20.30 -5.05
CA SER C 63 -29.59 -21.04 -4.73
C SER C 63 -29.89 -22.29 -5.56
N SER C 64 -29.92 -22.19 -6.89
CA SER C 64 -30.25 -23.36 -7.74
C SER C 64 -29.23 -24.47 -7.62
N TYR C 65 -27.95 -24.11 -7.52
CA TYR C 65 -26.88 -25.09 -7.44
C TYR C 65 -26.66 -25.64 -6.00
N ARG C 66 -27.41 -25.12 -5.00
CA ARG C 66 -27.34 -25.59 -3.62
C ARG C 66 -27.86 -27.02 -3.52
N GLN C 67 -27.07 -27.89 -2.89
CA GLN C 67 -27.33 -29.33 -2.65
C GLN C 67 -27.35 -30.17 -3.94
N ARG C 68 -27.25 -29.55 -5.13
CA ARG C 68 -27.17 -30.31 -6.38
C ARG C 68 -25.75 -30.33 -6.96
N ALA C 69 -24.91 -29.33 -6.62
CA ALA C 69 -23.57 -29.22 -7.16
C ALA C 69 -22.48 -29.61 -6.16
N ARG C 70 -21.53 -30.43 -6.60
CA ARG C 70 -20.44 -30.85 -5.74
C ARG C 70 -19.17 -31.10 -6.53
N LEU C 71 -18.04 -30.80 -5.93
CA LEU C 71 -16.74 -31.04 -6.55
C LEU C 71 -16.28 -32.42 -6.10
N LEU C 72 -15.84 -33.26 -7.04
CA LEU C 72 -15.37 -34.60 -6.72
C LEU C 72 -13.95 -34.50 -6.23
N LYS C 73 -13.80 -34.37 -4.90
CA LYS C 73 -12.52 -34.17 -4.22
C LYS C 73 -11.52 -35.31 -4.38
N ASP C 74 -12.00 -36.53 -4.68
CA ASP C 74 -11.11 -37.66 -4.92
C ASP C 74 -10.26 -37.46 -6.21
N GLN C 75 -10.73 -36.62 -7.13
CA GLN C 75 -10.05 -36.38 -8.40
C GLN C 75 -9.03 -35.24 -8.38
N LEU C 76 -9.09 -34.36 -7.37
CA LEU C 76 -8.21 -33.20 -7.26
C LEU C 76 -6.72 -33.56 -7.27
N SER C 77 -6.35 -34.62 -6.53
CA SER C 77 -4.99 -35.15 -6.44
C SER C 77 -4.43 -35.64 -7.78
N LEU C 78 -5.32 -35.98 -8.72
CA LEU C 78 -4.94 -36.41 -10.06
C LEU C 78 -4.86 -35.23 -11.06
N GLY C 79 -5.15 -34.01 -10.63
CA GLY C 79 -5.14 -32.85 -11.51
C GLY C 79 -6.45 -32.69 -12.23
N ASN C 80 -7.56 -33.10 -11.60
CA ASN C 80 -8.88 -33.01 -12.21
C ASN C 80 -9.87 -32.26 -11.35
N ALA C 81 -10.43 -31.19 -11.89
CA ALA C 81 -11.47 -30.42 -11.23
C ALA C 81 -12.76 -30.87 -11.87
N ALA C 82 -13.49 -31.78 -11.19
CA ALA C 82 -14.72 -32.38 -11.70
C ALA C 82 -15.96 -31.91 -10.95
N LEU C 83 -16.83 -31.16 -11.64
CA LEU C 83 -18.07 -30.63 -11.09
C LEU C 83 -19.23 -31.54 -11.43
N GLN C 84 -19.85 -32.12 -10.41
CA GLN C 84 -20.98 -32.99 -10.56
C GLN C 84 -22.25 -32.24 -10.18
N ILE C 85 -23.20 -32.16 -11.11
CA ILE C 85 -24.49 -31.53 -10.87
C ILE C 85 -25.53 -32.60 -11.02
N THR C 86 -26.32 -32.82 -9.97
CA THR C 86 -27.36 -33.83 -9.99
C THR C 86 -28.71 -33.24 -10.38
N ASP C 87 -29.61 -34.11 -10.89
CA ASP C 87 -30.98 -33.74 -11.28
C ASP C 87 -31.00 -32.50 -12.20
N VAL C 88 -30.34 -32.61 -13.35
CA VAL C 88 -30.20 -31.48 -14.27
C VAL C 88 -31.55 -30.91 -14.74
N LYS C 89 -31.64 -29.60 -14.71
CA LYS C 89 -32.83 -28.86 -15.12
C LYS C 89 -32.55 -28.05 -16.39
N LEU C 90 -33.61 -27.59 -17.08
CA LEU C 90 -33.45 -26.80 -18.29
C LEU C 90 -32.63 -25.53 -18.06
N GLN C 91 -32.76 -24.95 -16.87
CA GLN C 91 -32.03 -23.75 -16.45
C GLN C 91 -30.53 -24.00 -16.27
N ASP C 92 -30.10 -25.27 -16.20
CA ASP C 92 -28.69 -25.61 -16.11
C ASP C 92 -27.97 -25.54 -17.48
N ALA C 93 -28.70 -25.33 -18.59
CA ALA C 93 -28.07 -25.20 -19.90
C ALA C 93 -27.41 -23.82 -20.00
N GLY C 94 -26.17 -23.78 -20.49
CA GLY C 94 -25.46 -22.53 -20.65
C GLY C 94 -23.94 -22.68 -20.64
N VAL C 95 -23.23 -21.57 -20.51
CA VAL C 95 -21.77 -21.59 -20.48
C VAL C 95 -21.26 -21.61 -19.06
N TYR C 96 -20.45 -22.63 -18.76
CA TYR C 96 -19.78 -22.80 -17.48
C TYR C 96 -18.31 -22.44 -17.64
N ARG C 97 -17.69 -21.98 -16.57
CA ARG C 97 -16.27 -21.69 -16.60
C ARG C 97 -15.59 -22.15 -15.32
N CYS C 98 -14.41 -22.73 -15.46
CA CYS C 98 -13.59 -23.16 -14.33
C CYS C 98 -12.38 -22.24 -14.26
N MET C 99 -12.09 -21.69 -13.10
CA MET C 99 -10.91 -20.85 -12.89
C MET C 99 -10.08 -21.60 -11.87
N ILE C 100 -8.87 -22.03 -12.25
CA ILE C 100 -8.00 -22.79 -11.34
C ILE C 100 -6.70 -22.06 -11.12
N SER C 101 -6.27 -22.02 -9.86
CA SER C 101 -5.00 -21.45 -9.43
C SER C 101 -4.25 -22.52 -8.63
N TYR C 102 -3.02 -22.80 -9.04
CA TYR C 102 -2.16 -23.81 -8.40
C TYR C 102 -0.75 -23.40 -8.80
N GLY C 103 -0.29 -22.32 -8.19
CA GLY C 103 0.97 -21.69 -8.54
C GLY C 103 0.62 -20.56 -9.48
N GLY C 104 0.44 -20.90 -10.76
CA GLY C 104 -0.07 -19.98 -11.75
C GLY C 104 -1.59 -20.06 -11.79
N ALA C 105 -2.23 -19.45 -12.79
CA ALA C 105 -3.68 -19.50 -12.93
C ALA C 105 -4.13 -19.44 -14.39
N ASP C 106 -5.25 -20.10 -14.68
CA ASP C 106 -5.85 -20.13 -16.02
C ASP C 106 -7.35 -20.48 -15.91
N TYR C 107 -8.08 -20.39 -17.02
CA TYR C 107 -9.50 -20.71 -17.03
C TYR C 107 -9.94 -21.27 -18.36
N LYS C 108 -10.99 -22.08 -18.34
CA LYS C 108 -11.57 -22.65 -19.55
C LYS C 108 -13.09 -22.58 -19.50
N ARG C 109 -13.72 -22.52 -20.68
CA ARG C 109 -15.17 -22.50 -20.80
C ARG C 109 -15.68 -23.83 -21.34
N ILE C 110 -16.82 -24.29 -20.81
CA ILE C 110 -17.49 -25.52 -21.21
C ILE C 110 -18.98 -25.18 -21.39
N THR C 111 -19.55 -25.53 -22.54
CA THR C 111 -20.97 -25.30 -22.79
C THR C 111 -21.76 -26.56 -22.46
N VAL C 112 -22.95 -26.40 -21.88
CA VAL C 112 -23.84 -27.50 -21.56
C VAL C 112 -25.17 -27.27 -22.24
N LYS C 113 -25.67 -28.26 -22.97
CA LYS C 113 -26.99 -28.24 -23.59
C LYS C 113 -27.86 -29.27 -22.89
N VAL C 114 -29.13 -28.95 -22.61
CA VAL C 114 -30.04 -29.88 -21.93
C VAL C 114 -31.19 -30.25 -22.85
N ASN C 115 -31.49 -31.54 -22.97
CA ASN C 115 -32.59 -32.02 -23.80
C ASN C 115 -33.77 -32.42 -22.92
#